data_8V7D
#
_entry.id   8V7D
#
_cell.length_a   99.058
_cell.length_b   99.058
_cell.length_c   81.386
_cell.angle_alpha   90.00
_cell.angle_beta   90.00
_cell.angle_gamma   120.00
#
_symmetry.space_group_name_H-M   'P 61'
#
loop_
_entity.id
_entity.type
_entity.pdbx_description
1 polymer 'DNA polymerase eta'
2 polymer "DNA (5'-D(*CP*AP*TP*GP*AP*TP*GP*AP*CP*GP*CP*T)-3')"
3 polymer "DNA (5'-D(*AP*GP*CP*GP*TP*CP*AP*T*())-3')"
4 non-polymer GLYCEROL
5 non-polymer "CYTIDINE-5'-TRIPHOSPHATE"
6 non-polymer 'CALCIUM ION'
7 non-polymer 'POTASSIUM ION'
8 water water
#
loop_
_entity_poly.entity_id
_entity_poly.type
_entity_poly.pdbx_seq_one_letter_code
_entity_poly.pdbx_strand_id
1 'polypeptide(L)'
;GPHMATGQDRVVALVDMDCFFVQVEQRQNPHLRNKPCAVVQYKSWKGGGIIAVSYEARAFGVTRSMWADDAKKLCPDLLL
AQVRESRGKANLTKYREASVEVMEIMSRFAVIERASIDEAYVDLTSAVQERLQKLQGQPISADLLPSTYIEGLPQGPTTA
EETVQKEGMRKQGLFQWLDSLQIDNLTSPDLQLTVGAVIVEEMRAAIERETGFQCSAGISHNKVLAKLACGLNKPNRQTL
VSHGSVPQLFSQMPIRKIRSLGGKLGASVIEILGIEYMGELTQFTESQLQSHFGEKNGSWLYAMCRGIEHDPVKPRQLPK
TIGCSKNFPGKTALATREQVQWWLLQLAQELEERLTKDRNDNDRVATQLVVSIRVQGDKRLSSLRRCCALTRYDAHKMSH
DAFTVIKNCNTSGIQTEWSPPLTMLFLCATKFSAS
;
A
2 'polydeoxyribonucleotide' (DC)(DA)(DT)(DG)(DA)(DT)(DG)(DA)(DC)(DG)(DC)(DT) T
3 'polydeoxyribonucleotide' (DA)(DG)(DC)(DG)(DT)(DC)(DA)(DT) P
#
loop_
_chem_comp.id
_chem_comp.type
_chem_comp.name
_chem_comp.formula
CA non-polymer 'CALCIUM ION' 'Ca 2'
CTP non-polymer CYTIDINE-5'-TRIPHOSPHATE 'C9 H16 N3 O14 P3'
DA DNA linking 2'-DEOXYADENOSINE-5'-MONOPHOSPHATE 'C10 H14 N5 O6 P'
DC DNA linking 2'-DEOXYCYTIDINE-5'-MONOPHOSPHATE 'C9 H14 N3 O7 P'
DG DNA linking 2'-DEOXYGUANOSINE-5'-MONOPHOSPHATE 'C10 H14 N5 O7 P'
DT DNA linking THYMIDINE-5'-MONOPHOSPHATE 'C10 H15 N2 O8 P'
GOL non-polymer GLYCEROL 'C3 H8 O3'
K non-polymer 'POTASSIUM ION' 'K 1'
#
# COMPACT_ATOMS: atom_id res chain seq x y z
N GLY A 1 -7.16 -12.96 -33.28
CA GLY A 1 -8.61 -12.93 -33.16
C GLY A 1 -9.16 -13.88 -32.12
N PRO A 2 -9.66 -15.04 -32.56
CA PRO A 2 -10.28 -16.00 -31.62
C PRO A 2 -9.33 -16.60 -30.60
N HIS A 3 -8.02 -16.50 -30.80
CA HIS A 3 -7.03 -17.09 -29.91
C HIS A 3 -6.31 -16.06 -29.07
N MET A 4 -6.81 -14.82 -29.03
CA MET A 4 -6.06 -13.72 -28.46
C MET A 4 -6.61 -13.48 -27.06
N ALA A 5 -5.84 -13.89 -26.05
CA ALA A 5 -6.28 -13.78 -24.66
C ALA A 5 -6.43 -12.32 -24.27
N THR A 6 -7.50 -12.01 -23.53
CA THR A 6 -7.83 -10.64 -23.20
C THR A 6 -7.67 -10.32 -21.72
N GLY A 7 -7.18 -11.28 -20.93
CA GLY A 7 -6.93 -11.00 -19.52
C GLY A 7 -8.19 -10.61 -18.78
N GLN A 8 -9.29 -11.32 -19.05
CA GLN A 8 -10.58 -11.07 -18.42
C GLN A 8 -11.02 -12.24 -17.54
N ASP A 9 -10.06 -13.07 -17.08
CA ASP A 9 -10.35 -14.32 -16.40
C ASP A 9 -10.62 -14.14 -14.91
N ARG A 10 -10.21 -13.03 -14.32
CA ARG A 10 -10.32 -12.84 -12.88
C ARG A 10 -11.09 -11.56 -12.60
N VAL A 11 -11.69 -11.52 -11.41
CA VAL A 11 -12.16 -10.28 -10.80
C VAL A 11 -11.24 -10.02 -9.61
N VAL A 12 -10.60 -8.86 -9.61
CA VAL A 12 -9.62 -8.52 -8.56
C VAL A 12 -10.01 -7.15 -8.04
N ALA A 13 -9.97 -6.98 -6.72
CA ALA A 13 -10.22 -5.66 -6.16
C ALA A 13 -9.02 -5.26 -5.33
N LEU A 14 -8.84 -3.95 -5.18
CA LEU A 14 -7.86 -3.41 -4.26
C LEU A 14 -8.60 -2.48 -3.31
N VAL A 15 -8.48 -2.72 -2.01
CA VAL A 15 -9.09 -1.89 -0.99
C VAL A 15 -8.00 -1.10 -0.30
N ASP A 16 -8.19 0.22 -0.22
CA ASP A 16 -7.22 1.14 0.38
C ASP A 16 -7.94 2.04 1.38
N MET A 17 -7.53 1.99 2.66
CA MET A 17 -8.13 2.83 3.70
C MET A 17 -7.81 4.29 3.39
N ASP A 18 -8.82 5.15 3.38
CA ASP A 18 -8.62 6.62 3.23
C ASP A 18 -7.91 7.21 4.47
N CYS A 19 -6.92 8.10 4.28
CA CYS A 19 -6.13 8.79 5.36
C CYS A 19 -6.09 7.89 6.61
N PHE A 20 -5.58 6.68 6.44
CA PHE A 20 -5.71 5.64 7.48
C PHE A 20 -5.34 6.13 8.88
N PHE A 21 -4.11 6.59 9.10
CA PHE A 21 -3.72 6.93 10.47
C PHE A 21 -4.60 8.05 11.02
N VAL A 22 -5.03 8.97 10.13
CA VAL A 22 -5.95 10.03 10.54
C VAL A 22 -7.29 9.45 11.00
N GLN A 23 -7.86 8.50 10.22
CA GLN A 23 -9.09 7.87 10.67
C GLN A 23 -8.94 7.16 12.01
N VAL A 24 -7.81 6.51 12.25
CA VAL A 24 -7.60 5.83 13.53
C VAL A 24 -7.64 6.85 14.67
N GLU A 25 -6.90 7.96 14.50
CA GLU A 25 -6.86 8.97 15.57
C GLU A 25 -8.19 9.70 15.70
N GLN A 26 -8.95 9.84 14.60
CA GLN A 26 -10.25 10.52 14.68
C GLN A 26 -11.30 9.63 15.31
N ARG A 27 -11.23 8.32 15.07
CA ARG A 27 -12.10 7.41 15.80
C ARG A 27 -11.84 7.53 17.29
N GLN A 28 -10.56 7.60 17.66
CA GLN A 28 -10.21 7.63 19.08
C GLN A 28 -10.57 8.95 19.71
N ASN A 29 -10.41 10.05 18.98
CA ASN A 29 -10.60 11.39 19.52
C ASN A 29 -11.62 12.14 18.69
N PRO A 30 -12.89 12.14 19.11
CA PRO A 30 -13.95 12.80 18.32
C PRO A 30 -13.69 14.27 18.00
N HIS A 31 -12.92 15.00 18.83
CA HIS A 31 -12.59 16.40 18.54
C HIS A 31 -11.83 16.56 17.23
N LEU A 32 -11.22 15.49 16.71
CA LEU A 32 -10.49 15.57 15.44
C LEU A 32 -11.36 15.29 14.22
N ARG A 33 -12.58 14.80 14.40
CA ARG A 33 -13.42 14.42 13.27
C ARG A 33 -13.88 15.65 12.49
N ASN A 34 -13.88 15.52 11.16
CA ASN A 34 -14.40 16.59 10.28
C ASN A 34 -13.61 17.88 10.42
N LYS A 35 -12.32 17.77 10.74
CA LYS A 35 -11.45 18.92 10.90
C LYS A 35 -10.23 18.73 10.02
N PRO A 36 -9.52 19.81 9.69
CA PRO A 36 -8.18 19.67 9.10
C PRO A 36 -7.24 19.12 10.17
N CYS A 37 -6.72 17.91 9.93
CA CYS A 37 -5.85 17.36 10.94
CA CYS A 37 -5.99 17.18 10.96
C CYS A 37 -4.85 16.42 10.27
N ALA A 38 -3.77 16.16 11.01
CA ALA A 38 -2.66 15.37 10.50
C ALA A 38 -2.09 14.53 11.63
N VAL A 39 -1.39 13.46 11.24
CA VAL A 39 -0.67 12.58 12.17
C VAL A 39 0.82 12.85 11.99
N VAL A 40 1.51 13.04 13.10
CA VAL A 40 2.92 13.44 13.09
C VAL A 40 3.73 12.44 13.91
N GLN A 41 4.99 12.26 13.52
CA GLN A 41 5.90 11.48 14.33
C GLN A 41 7.05 12.38 14.76
N TYR A 42 7.42 12.22 16.03
CA TYR A 42 8.37 13.10 16.72
C TYR A 42 7.79 14.50 16.80
N LYS A 43 8.53 15.45 17.37
CA LYS A 43 7.95 16.77 17.62
C LYS A 43 9.01 17.86 17.77
N SER A 44 10.19 17.50 18.27
CA SER A 44 11.18 18.52 18.56
C SER A 44 11.75 19.14 17.29
N TRP A 45 12.10 18.33 16.30
CA TRP A 45 12.64 18.86 15.06
C TRP A 45 11.50 19.39 14.21
N LYS A 46 11.26 20.71 14.27
CA LYS A 46 10.37 21.41 13.37
C LYS A 46 8.90 20.98 13.53
N GLY A 47 8.52 20.52 14.73
CA GLY A 47 7.17 20.15 15.03
C GLY A 47 6.84 18.69 14.77
N GLY A 48 7.79 17.90 14.30
CA GLY A 48 7.53 16.54 13.89
C GLY A 48 7.23 16.45 12.40
N GLY A 49 7.32 15.23 11.88
CA GLY A 49 7.14 14.99 10.46
C GLY A 49 5.73 14.48 10.23
N ILE A 50 5.03 15.08 9.27
CA ILE A 50 3.67 14.64 8.96
C ILE A 50 3.71 13.33 8.19
N ILE A 51 2.94 12.34 8.65
CA ILE A 51 2.87 11.09 7.91
C ILE A 51 1.50 10.83 7.32
N ALA A 52 0.45 11.55 7.71
CA ALA A 52 -0.89 11.32 7.18
C ALA A 52 -1.72 12.59 7.37
N VAL A 53 -2.66 12.83 6.44
CA VAL A 53 -3.31 14.13 6.32
C VAL A 53 -4.79 13.93 5.98
N SER A 54 -5.68 14.57 6.75
CA SER A 54 -7.11 14.49 6.46
C SER A 54 -7.43 15.29 5.21
N TYR A 55 -8.52 14.88 4.53
CA TYR A 55 -8.84 15.53 3.25
C TYR A 55 -9.10 17.03 3.45
N GLU A 56 -9.62 17.42 4.62
CA GLU A 56 -9.82 18.84 4.91
C GLU A 56 -8.50 19.59 5.00
N ALA A 57 -7.47 18.96 5.54
CA ALA A 57 -6.15 19.60 5.60
C ALA A 57 -5.47 19.60 4.22
N ARG A 58 -5.69 18.54 3.43
CA ARG A 58 -5.10 18.51 2.09
C ARG A 58 -5.57 19.67 1.22
N ALA A 59 -6.80 20.15 1.46
CA ALA A 59 -7.28 21.29 0.67
C ALA A 59 -6.41 22.52 0.88
N PHE A 60 -5.74 22.63 2.03
CA PHE A 60 -4.82 23.72 2.31
C PHE A 60 -3.41 23.49 1.75
N GLY A 61 -3.12 22.33 1.18
CA GLY A 61 -1.78 22.05 0.71
C GLY A 61 -0.91 21.24 1.65
N VAL A 62 -1.44 20.76 2.77
CA VAL A 62 -0.68 19.92 3.67
C VAL A 62 -0.42 18.57 3.03
N THR A 63 0.82 18.10 3.11
CA THR A 63 1.11 16.78 2.58
C THR A 63 1.95 16.00 3.56
N ARG A 64 2.02 14.71 3.29
CA ARG A 64 2.98 13.81 3.88
CA ARG A 64 2.98 13.82 3.91
C ARG A 64 4.40 14.33 3.67
N SER A 65 5.29 14.04 4.62
CA SER A 65 6.70 14.40 4.65
C SER A 65 6.92 15.86 5.03
N MET A 66 5.88 16.67 4.97
CA MET A 66 5.95 18.03 5.47
C MET A 66 6.31 18.03 6.95
N TRP A 67 7.14 19.00 7.38
CA TRP A 67 7.26 19.26 8.81
C TRP A 67 6.00 19.93 9.32
N ALA A 68 5.56 19.53 10.52
CA ALA A 68 4.32 20.10 11.07
C ALA A 68 4.41 21.61 11.19
N ASP A 69 5.58 22.16 11.54
CA ASP A 69 5.69 23.62 11.64
C ASP A 69 5.42 24.29 10.29
N ASP A 70 5.83 23.66 9.19
CA ASP A 70 5.56 24.22 7.87
C ASP A 70 4.09 24.04 7.45
N ALA A 71 3.53 22.87 7.78
CA ALA A 71 2.12 22.61 7.51
C ALA A 71 1.22 23.63 8.21
N LYS A 72 1.61 24.04 9.42
CA LYS A 72 0.88 25.08 10.14
C LYS A 72 0.97 26.44 9.42
N LYS A 73 2.02 26.65 8.63
CA LYS A 73 2.07 27.85 7.82
C LYS A 73 1.00 27.79 6.73
N LEU A 74 0.78 26.60 6.15
CA LEU A 74 -0.32 26.49 5.17
C LEU A 74 -1.70 26.45 5.81
N CYS A 75 -1.80 25.95 7.05
CA CYS A 75 -3.09 25.64 7.67
C CYS A 75 -2.95 25.92 9.17
N PRO A 76 -3.22 27.15 9.60
CA PRO A 76 -2.90 27.51 10.99
C PRO A 76 -3.78 26.78 12.00
N ASP A 77 -4.98 26.39 11.61
CA ASP A 77 -5.88 25.68 12.49
C ASP A 77 -5.68 24.19 12.45
N LEU A 78 -4.62 23.71 11.79
CA LEU A 78 -4.39 22.28 11.66
C LEU A 78 -4.33 21.62 13.03
N LEU A 79 -5.11 20.55 13.21
CA LEU A 79 -5.06 19.77 14.45
C LEU A 79 -4.08 18.62 14.23
N LEU A 80 -3.33 18.27 15.27
CA LEU A 80 -2.33 17.22 15.17
C LEU A 80 -2.55 16.12 16.20
N ALA A 81 -2.31 14.90 15.75
CA ALA A 81 -2.20 13.75 16.65
C ALA A 81 -0.83 13.13 16.44
N GLN A 82 -0.22 12.70 17.54
CA GLN A 82 1.15 12.23 17.54
C GLN A 82 1.21 10.72 17.66
N VAL A 83 2.09 10.13 16.86
CA VAL A 83 2.37 8.71 16.97
C VAL A 83 2.98 8.41 18.33
N ARG A 84 2.57 7.31 18.92
CA ARG A 84 3.18 6.91 20.18
C ARG A 84 4.69 6.77 20.00
N GLU A 85 5.44 7.19 21.02
CA GLU A 85 6.87 6.96 21.08
C GLU A 85 7.15 6.01 22.23
N SER A 86 7.90 4.95 21.94
CA SER A 86 8.29 3.98 22.95
C SER A 86 9.77 3.71 22.78
N ARG A 87 10.50 3.80 23.89
CA ARG A 87 11.94 3.56 23.91
C ARG A 87 12.66 4.52 22.98
N GLY A 88 12.09 5.72 22.80
CA GLY A 88 12.70 6.73 21.96
C GLY A 88 12.47 6.54 20.47
N LYS A 89 11.55 5.69 20.08
CA LYS A 89 11.25 5.53 18.67
C LYS A 89 9.75 5.52 18.46
N ALA A 90 9.36 5.79 17.22
CA ALA A 90 7.95 5.71 16.86
C ALA A 90 7.45 4.29 17.02
N ASN A 91 6.23 4.15 17.51
CA ASN A 91 5.69 2.82 17.72
C ASN A 91 4.34 2.81 17.05
N LEU A 92 4.20 2.01 16.01
CA LEU A 92 3.00 2.05 15.19
C LEU A 92 1.97 1.03 15.60
N THR A 93 2.04 0.53 16.83
CA THR A 93 1.22 -0.63 17.18
C THR A 93 -0.28 -0.35 17.02
N LYS A 94 -0.72 0.86 17.36
CA LYS A 94 -2.14 1.20 17.27
C LYS A 94 -2.67 1.04 15.86
N TYR A 95 -1.85 1.40 14.87
CA TYR A 95 -2.27 1.35 13.47
C TYR A 95 -2.22 -0.08 12.94
N ARG A 96 -1.22 -0.85 13.36
CA ARG A 96 -1.18 -2.26 13.00
C ARG A 96 -2.40 -3.01 13.53
N GLU A 97 -2.83 -2.69 14.75
CA GLU A 97 -3.99 -3.36 15.31
C GLU A 97 -5.28 -2.92 14.62
N ALA A 98 -5.40 -1.63 14.30
CA ALA A 98 -6.56 -1.19 13.53
C ALA A 98 -6.61 -1.87 12.17
N SER A 99 -5.43 -2.04 11.57
CA SER A 99 -5.30 -2.73 10.29
C SER A 99 -5.81 -4.16 10.37
N VAL A 100 -5.47 -4.83 11.48
CA VAL A 100 -5.94 -6.22 11.66
C VAL A 100 -7.46 -6.25 11.74
N GLU A 101 -8.08 -5.28 12.44
CA GLU A 101 -9.54 -5.19 12.42
C GLU A 101 -10.10 -5.24 11.00
N VAL A 102 -9.51 -4.40 10.14
CA VAL A 102 -10.02 -4.29 8.78
C VAL A 102 -9.77 -5.57 7.99
N MET A 103 -8.55 -6.10 8.07
CA MET A 103 -8.20 -7.28 7.27
C MET A 103 -9.01 -8.49 7.67
N GLU A 104 -9.32 -8.63 8.96
CA GLU A 104 -10.14 -9.76 9.35
C GLU A 104 -11.58 -9.60 8.86
N ILE A 105 -12.10 -8.38 8.76
CA ILE A 105 -13.42 -8.26 8.10
C ILE A 105 -13.32 -8.65 6.62
N MET A 106 -12.32 -8.14 5.92
CA MET A 106 -12.18 -8.44 4.49
C MET A 106 -12.04 -9.93 4.23
N SER A 107 -11.31 -10.64 5.10
CA SER A 107 -11.10 -12.07 4.92
C SER A 107 -12.40 -12.88 5.00
N ARG A 108 -13.49 -12.30 5.55
CA ARG A 108 -14.78 -13.00 5.53
C ARG A 108 -15.34 -13.15 4.13
N PHE A 109 -15.01 -12.21 3.25
CA PHE A 109 -15.57 -12.22 1.92
C PHE A 109 -14.75 -13.00 0.93
N ALA A 110 -13.43 -13.06 1.12
CA ALA A 110 -12.55 -13.68 0.15
C ALA A 110 -11.14 -13.68 0.71
N VAL A 111 -10.28 -14.47 0.08
CA VAL A 111 -8.89 -14.56 0.49
C VAL A 111 -8.16 -13.31 0.01
N ILE A 112 -7.36 -12.72 0.89
CA ILE A 112 -6.80 -11.41 0.62
C ILE A 112 -5.28 -11.50 0.61
N GLU A 113 -4.65 -10.57 -0.11
CA GLU A 113 -3.22 -10.36 -0.06
C GLU A 113 -2.97 -9.03 0.63
N ARG A 114 -2.42 -9.08 1.83
CA ARG A 114 -2.05 -7.86 2.52
C ARG A 114 -0.96 -7.16 1.74
N ALA A 115 -1.26 -5.97 1.22
CA ALA A 115 -0.28 -5.26 0.42
C ALA A 115 0.47 -4.24 1.22
N SER A 116 -0.14 -3.73 2.29
CA SER A 116 0.55 -2.77 3.17
C SER A 116 -0.22 -2.73 4.47
N ILE A 117 0.18 -1.83 5.37
CA ILE A 117 -0.61 -1.67 6.58
C ILE A 117 -2.08 -1.39 6.27
N ASP A 118 -2.39 -0.72 5.15
CA ASP A 118 -3.77 -0.30 4.95
C ASP A 118 -4.33 -0.63 3.57
N GLU A 119 -3.72 -1.56 2.83
CA GLU A 119 -4.20 -2.01 1.52
C GLU A 119 -4.21 -3.53 1.48
N ALA A 120 -5.23 -4.10 0.84
CA ALA A 120 -5.30 -5.52 0.54
C ALA A 120 -5.94 -5.74 -0.83
N TYR A 121 -5.36 -6.66 -1.58
CA TYR A 121 -6.01 -7.14 -2.80
C TYR A 121 -6.92 -8.30 -2.47
N VAL A 122 -7.97 -8.46 -3.26
CA VAL A 122 -9.03 -9.44 -3.07
C VAL A 122 -9.24 -10.14 -4.39
N ASP A 123 -9.15 -11.48 -4.42
CA ASP A 123 -9.53 -12.23 -5.62
C ASP A 123 -10.99 -12.66 -5.47
N LEU A 124 -11.88 -12.02 -6.23
CA LEU A 124 -13.32 -12.19 -6.09
C LEU A 124 -13.94 -13.15 -7.10
N THR A 125 -13.13 -13.77 -7.98
CA THR A 125 -13.67 -14.56 -9.09
C THR A 125 -14.71 -15.57 -8.60
N SER A 126 -14.36 -16.30 -7.53
CA SER A 126 -15.21 -17.38 -7.03
C SER A 126 -16.46 -16.83 -6.36
N ALA A 127 -16.30 -15.79 -5.54
CA ALA A 127 -17.46 -15.16 -4.92
C ALA A 127 -18.43 -14.62 -5.97
N VAL A 128 -17.88 -14.10 -7.08
CA VAL A 128 -18.71 -13.57 -8.14
C VAL A 128 -19.52 -14.67 -8.80
N GLN A 129 -18.87 -15.79 -9.13
CA GLN A 129 -19.59 -16.91 -9.75
C GLN A 129 -20.75 -17.34 -8.86
N GLU A 130 -20.49 -17.47 -7.56
CA GLU A 130 -21.54 -17.85 -6.62
C GLU A 130 -22.70 -16.85 -6.63
N ARG A 131 -22.39 -15.56 -6.51
CA ARG A 131 -23.45 -14.56 -6.47
C ARG A 131 -24.24 -14.54 -7.79
N LEU A 132 -23.56 -14.85 -8.90
CA LEU A 132 -24.24 -14.91 -10.20
C LEU A 132 -25.25 -16.04 -10.20
N GLN A 133 -24.91 -17.18 -9.62
CA GLN A 133 -25.88 -18.26 -9.48
C GLN A 133 -27.04 -17.85 -8.57
N LYS A 134 -26.76 -17.07 -7.52
CA LYS A 134 -27.88 -16.61 -6.70
C LYS A 134 -28.77 -15.62 -7.45
N LEU A 135 -28.22 -14.92 -8.45
CA LEU A 135 -29.05 -13.96 -9.17
C LEU A 135 -30.03 -14.66 -10.11
N GLN A 136 -29.55 -15.62 -10.89
CA GLN A 136 -30.38 -16.29 -11.90
C GLN A 136 -30.83 -15.29 -12.97
N GLY A 137 -29.94 -14.38 -13.34
CA GLY A 137 -30.18 -13.49 -14.46
C GLY A 137 -30.97 -12.23 -14.15
N GLN A 138 -31.35 -11.99 -12.90
CA GLN A 138 -32.08 -10.76 -12.60
C GLN A 138 -31.15 -9.56 -12.80
N PRO A 139 -31.67 -8.45 -13.32
CA PRO A 139 -30.83 -7.28 -13.51
C PRO A 139 -30.23 -6.81 -12.19
N ILE A 140 -29.12 -6.10 -12.31
CA ILE A 140 -28.45 -5.57 -11.13
C ILE A 140 -28.94 -4.14 -10.96
N SER A 141 -29.54 -3.86 -9.80
CA SER A 141 -30.05 -2.52 -9.51
C SER A 141 -28.92 -1.53 -9.26
N ALA A 142 -29.09 -0.29 -9.74
CA ALA A 142 -28.12 0.74 -9.35
C ALA A 142 -28.14 1.00 -7.85
N ASP A 143 -29.21 0.58 -7.15
CA ASP A 143 -29.26 0.70 -5.71
C ASP A 143 -28.22 -0.18 -5.03
N LEU A 144 -27.76 -1.24 -5.70
CA LEU A 144 -26.70 -2.08 -5.13
C LEU A 144 -25.31 -1.48 -5.25
N LEU A 145 -25.16 -0.36 -5.96
CA LEU A 145 -23.84 0.25 -6.23
C LEU A 145 -23.86 1.73 -5.88
N PRO A 146 -24.20 2.08 -4.63
CA PRO A 146 -24.44 3.49 -4.29
C PRO A 146 -23.20 4.37 -4.31
N SER A 147 -22.00 3.78 -4.36
CA SER A 147 -20.77 4.56 -4.29
C SER A 147 -19.79 4.16 -5.40
N THR A 148 -20.31 3.57 -6.48
CA THR A 148 -19.48 3.01 -7.55
C THR A 148 -19.42 3.94 -8.75
N TYR A 149 -18.20 4.14 -9.28
CA TYR A 149 -17.97 4.89 -10.50
C TYR A 149 -17.58 3.92 -11.61
N ILE A 150 -18.15 4.10 -12.80
CA ILE A 150 -17.74 3.31 -13.95
C ILE A 150 -16.79 4.16 -14.77
N GLU A 151 -15.50 3.80 -14.77
CA GLU A 151 -14.50 4.63 -15.41
C GLU A 151 -14.80 4.74 -16.89
N GLY A 152 -14.80 5.97 -17.40
CA GLY A 152 -15.04 6.21 -18.81
C GLY A 152 -16.48 6.55 -19.14
N LEU A 153 -17.39 6.35 -18.21
CA LEU A 153 -18.75 6.78 -18.42
C LEU A 153 -19.11 7.92 -17.48
N PRO A 154 -20.09 8.77 -17.79
CA PRO A 154 -20.93 8.74 -19.01
C PRO A 154 -20.19 9.22 -20.25
N GLN A 155 -20.72 8.85 -21.41
CA GLN A 155 -20.11 9.15 -22.69
C GLN A 155 -21.23 9.36 -23.70
N GLY A 156 -20.90 10.02 -24.82
CA GLY A 156 -21.78 10.06 -25.96
C GLY A 156 -22.83 11.15 -25.97
N PRO A 157 -23.77 11.08 -26.93
CA PRO A 157 -24.85 12.06 -27.14
C PRO A 157 -26.10 11.83 -26.29
N THR A 163 -26.31 17.54 -16.48
CA THR A 163 -26.03 17.84 -15.08
C THR A 163 -24.60 18.30 -14.89
N VAL A 164 -24.37 19.07 -13.82
CA VAL A 164 -23.08 19.70 -13.59
C VAL A 164 -22.59 19.37 -12.18
N GLN A 165 -23.12 18.30 -11.59
CA GLN A 165 -22.78 17.91 -10.23
C GLN A 165 -22.11 16.54 -10.22
N LYS A 166 -21.25 16.32 -9.24
CA LYS A 166 -20.38 15.12 -9.25
C LYS A 166 -21.23 13.86 -9.14
N GLU A 167 -22.13 13.81 -8.15
CA GLU A 167 -22.93 12.61 -7.96
C GLU A 167 -23.88 12.37 -9.14
N GLY A 168 -24.30 13.44 -9.81
CA GLY A 168 -25.15 13.24 -10.98
C GLY A 168 -24.39 12.60 -12.13
N MET A 169 -23.15 13.04 -12.34
CA MET A 169 -22.26 12.39 -13.28
C MET A 169 -22.10 10.91 -12.92
N ARG A 170 -21.88 10.63 -11.63
CA ARG A 170 -21.65 9.24 -11.23
C ARG A 170 -22.85 8.39 -11.60
N LYS A 171 -24.05 8.86 -11.27
CA LYS A 171 -25.26 8.09 -11.57
C LYS A 171 -25.48 7.94 -13.07
N GLN A 172 -25.23 9.01 -13.85
CA GLN A 172 -25.39 8.90 -15.30
C GLN A 172 -24.51 7.78 -15.87
N GLY A 173 -23.22 7.79 -15.52
CA GLY A 173 -22.33 6.74 -16.01
C GLY A 173 -22.76 5.36 -15.56
N LEU A 174 -23.16 5.23 -14.29
CA LEU A 174 -23.64 3.95 -13.79
C LEU A 174 -24.86 3.46 -14.57
N PHE A 175 -25.75 4.38 -14.89
CA PHE A 175 -26.94 3.99 -15.65
C PHE A 175 -26.56 3.51 -17.05
N GLN A 176 -25.68 4.23 -17.75
CA GLN A 176 -25.28 3.77 -19.08
C GLN A 176 -24.69 2.38 -18.99
N TRP A 177 -23.85 2.15 -17.97
CA TRP A 177 -23.19 0.86 -17.80
C TRP A 177 -24.23 -0.24 -17.58
N LEU A 178 -25.15 -0.03 -16.64
CA LEU A 178 -26.12 -1.06 -16.32
C LEU A 178 -27.08 -1.30 -17.48
N ASP A 179 -27.42 -0.25 -18.21
CA ASP A 179 -28.26 -0.41 -19.39
C ASP A 179 -27.61 -1.28 -20.44
N SER A 180 -26.28 -1.23 -20.55
CA SER A 180 -25.61 -2.01 -21.58
C SER A 180 -25.27 -3.43 -21.15
N LEU A 181 -25.54 -3.82 -19.90
CA LEU A 181 -25.10 -5.11 -19.39
C LEU A 181 -25.90 -6.26 -19.98
N GLN A 182 -25.19 -7.37 -20.26
CA GLN A 182 -25.80 -8.62 -20.70
C GLN A 182 -25.90 -9.56 -19.49
N ILE A 183 -26.99 -9.39 -18.71
CA ILE A 183 -27.18 -10.12 -17.46
C ILE A 183 -27.55 -11.57 -17.72
N ASP A 184 -27.74 -11.93 -18.99
CA ASP A 184 -28.08 -13.30 -19.34
C ASP A 184 -26.84 -14.18 -19.46
N ASN A 185 -25.73 -13.63 -19.93
CA ASN A 185 -24.50 -14.40 -20.11
C ASN A 185 -23.75 -14.44 -18.79
N LEU A 186 -23.68 -15.62 -18.18
CA LEU A 186 -23.03 -15.79 -16.89
C LEU A 186 -21.50 -15.75 -16.96
N THR A 187 -20.91 -15.80 -18.15
CA THR A 187 -19.47 -15.62 -18.30
C THR A 187 -19.10 -14.29 -18.95
N SER A 188 -19.98 -13.31 -18.91
CA SER A 188 -19.62 -11.99 -19.42
C SER A 188 -18.64 -11.32 -18.46
N PRO A 189 -17.44 -10.94 -18.91
CA PRO A 189 -16.51 -10.23 -18.02
C PRO A 189 -17.08 -8.96 -17.42
N ASP A 190 -17.86 -8.18 -18.18
CA ASP A 190 -18.38 -6.93 -17.65
C ASP A 190 -19.40 -7.20 -16.57
N LEU A 191 -20.23 -8.23 -16.77
CA LEU A 191 -21.15 -8.66 -15.73
C LEU A 191 -20.40 -9.11 -14.49
N GLN A 192 -19.32 -9.89 -14.67
CA GLN A 192 -18.57 -10.37 -13.53
C GLN A 192 -17.95 -9.22 -12.74
N LEU A 193 -17.36 -8.24 -13.43
CA LEU A 193 -16.85 -7.06 -12.71
C LEU A 193 -17.97 -6.37 -11.94
N THR A 194 -19.16 -6.26 -12.54
CA THR A 194 -20.24 -5.57 -11.86
C THR A 194 -20.64 -6.28 -10.57
N VAL A 195 -20.76 -7.61 -10.64
CA VAL A 195 -21.07 -8.38 -9.44
C VAL A 195 -19.97 -8.20 -8.41
N GLY A 196 -18.71 -8.24 -8.88
CA GLY A 196 -17.58 -7.96 -8.02
C GLY A 196 -17.73 -6.64 -7.29
N ALA A 197 -18.22 -5.62 -8.00
CA ALA A 197 -18.41 -4.30 -7.39
C ALA A 197 -19.53 -4.31 -6.36
N VAL A 198 -20.60 -5.08 -6.60
CA VAL A 198 -21.66 -5.21 -5.59
C VAL A 198 -21.12 -5.81 -4.31
N ILE A 199 -20.33 -6.88 -4.45
CA ILE A 199 -19.66 -7.50 -3.30
C ILE A 199 -18.76 -6.48 -2.59
N VAL A 200 -17.97 -5.72 -3.36
CA VAL A 200 -17.06 -4.76 -2.72
C VAL A 200 -17.84 -3.67 -1.98
N GLU A 201 -18.97 -3.24 -2.53
CA GLU A 201 -19.82 -2.33 -1.76
C GLU A 201 -20.19 -2.96 -0.42
N GLU A 202 -20.56 -4.24 -0.45
CA GLU A 202 -20.94 -4.92 0.79
C GLU A 202 -19.75 -5.00 1.76
N MET A 203 -18.58 -5.36 1.25
CA MET A 203 -17.35 -5.39 2.05
C MET A 203 -17.06 -4.04 2.68
N ARG A 204 -17.21 -2.95 1.90
CA ARG A 204 -16.90 -1.62 2.42
C ARG A 204 -17.93 -1.17 3.44
N ALA A 205 -19.19 -1.53 3.21
CA ALA A 205 -20.21 -1.26 4.22
C ALA A 205 -19.88 -1.97 5.53
N ALA A 206 -19.44 -3.22 5.45
CA ALA A 206 -19.14 -3.95 6.68
C ALA A 206 -17.94 -3.38 7.39
N ILE A 207 -16.90 -3.00 6.65
CA ILE A 207 -15.75 -2.36 7.28
C ILE A 207 -16.18 -1.10 8.01
N GLU A 208 -17.00 -0.28 7.35
CA GLU A 208 -17.41 0.96 7.98
C GLU A 208 -18.31 0.69 9.18
N ARG A 209 -19.25 -0.25 9.05
CA ARG A 209 -20.15 -0.54 10.16
C ARG A 209 -19.40 -1.06 11.37
N GLU A 210 -18.44 -1.95 11.18
CA GLU A 210 -17.77 -2.63 12.28
C GLU A 210 -16.49 -1.96 12.76
N THR A 211 -15.98 -0.94 12.07
CA THR A 211 -14.79 -0.27 12.57
C THR A 211 -14.91 1.23 12.58
N GLY A 212 -15.84 1.79 11.83
CA GLY A 212 -15.91 3.21 11.63
C GLY A 212 -15.05 3.72 10.49
N PHE A 213 -14.26 2.86 9.86
CA PHE A 213 -13.26 3.31 8.90
C PHE A 213 -13.84 3.24 7.49
N GLN A 214 -13.58 4.29 6.71
CA GLN A 214 -13.98 4.36 5.32
C GLN A 214 -12.79 4.02 4.42
N CYS A 215 -13.07 3.49 3.24
CA CYS A 215 -12.00 3.18 2.31
C CYS A 215 -12.48 3.44 0.90
N SER A 216 -11.51 3.47 -0.02
CA SER A 216 -11.77 3.46 -1.45
C SER A 216 -11.39 2.09 -2.00
N ALA A 217 -11.91 1.77 -3.18
CA ALA A 217 -11.50 0.51 -3.80
C ALA A 217 -11.50 0.63 -5.32
N GLY A 218 -10.71 -0.24 -5.96
CA GLY A 218 -10.84 -0.47 -7.40
C GLY A 218 -11.27 -1.90 -7.64
N ILE A 219 -12.05 -2.11 -8.71
CA ILE A 219 -12.45 -3.44 -9.16
C ILE A 219 -12.09 -3.53 -10.63
N SER A 220 -11.28 -4.52 -10.98
CA SER A 220 -10.93 -4.73 -12.39
C SER A 220 -10.61 -6.21 -12.57
N HIS A 221 -9.81 -6.52 -13.58
CA HIS A 221 -9.45 -7.91 -13.87
C HIS A 221 -8.07 -8.31 -13.38
N ASN A 222 -7.28 -7.38 -12.84
CA ASN A 222 -5.96 -7.73 -12.33
C ASN A 222 -5.55 -6.67 -11.32
N LYS A 223 -4.39 -6.85 -10.71
CA LYS A 223 -4.00 -6.02 -9.57
C LYS A 223 -3.61 -4.61 -9.99
N VAL A 224 -2.87 -4.47 -11.11
CA VAL A 224 -2.45 -3.15 -11.56
C VAL A 224 -3.67 -2.28 -11.90
N LEU A 225 -4.63 -2.84 -12.64
CA LEU A 225 -5.82 -2.05 -12.99
C LEU A 225 -6.67 -1.77 -11.75
N ALA A 226 -6.76 -2.73 -10.84
CA ALA A 226 -7.52 -2.51 -9.61
C ALA A 226 -6.90 -1.38 -8.78
N LYS A 227 -5.59 -1.38 -8.64
CA LYS A 227 -4.89 -0.32 -7.92
C LYS A 227 -5.11 1.04 -8.60
N LEU A 228 -4.93 1.09 -9.92
CA LEU A 228 -5.16 2.34 -10.63
C LEU A 228 -6.60 2.80 -10.47
N ALA A 229 -7.55 1.89 -10.63
CA ALA A 229 -8.96 2.20 -10.41
C ALA A 229 -9.20 2.79 -9.03
N CYS A 230 -8.62 2.17 -8.01
CA CYS A 230 -8.85 2.65 -6.64
C CYS A 230 -8.48 4.12 -6.51
N GLY A 231 -7.37 4.53 -7.12
CA GLY A 231 -6.98 5.95 -7.05
C GLY A 231 -7.86 6.93 -7.83
N LEU A 232 -8.79 6.46 -8.64
CA LEU A 232 -9.46 7.39 -9.55
C LEU A 232 -10.56 8.21 -8.89
N ASN A 233 -11.18 7.70 -7.82
CA ASN A 233 -12.26 8.39 -7.14
C ASN A 233 -12.09 8.14 -5.64
N LYS A 234 -11.47 9.07 -4.96
CA LYS A 234 -11.14 8.99 -3.55
C LYS A 234 -11.65 10.27 -2.92
N PRO A 235 -11.98 10.26 -1.61
CA PRO A 235 -12.10 9.14 -0.68
C PRO A 235 -13.51 8.54 -0.71
N ASN A 236 -13.69 7.39 -0.06
CA ASN A 236 -15.02 6.82 0.23
C ASN A 236 -15.82 6.50 -1.03
N ARG A 237 -15.16 6.03 -2.08
CA ARG A 237 -15.85 5.64 -3.33
C ARG A 237 -15.07 4.49 -3.93
N GLN A 238 -15.68 3.80 -4.89
CA GLN A 238 -14.99 2.72 -5.58
C GLN A 238 -15.21 2.86 -7.08
N THR A 239 -14.23 2.37 -7.84
CA THR A 239 -14.23 2.57 -9.29
C THR A 239 -14.06 1.23 -9.99
N LEU A 240 -14.90 0.97 -10.97
CA LEU A 240 -14.82 -0.24 -11.80
C LEU A 240 -14.13 0.15 -13.11
N VAL A 241 -13.04 -0.54 -13.42
CA VAL A 241 -12.32 -0.29 -14.66
C VAL A 241 -12.45 -1.56 -15.49
N SER A 242 -13.24 -1.48 -16.55
CA SER A 242 -13.46 -2.66 -17.38
C SER A 242 -12.31 -2.80 -18.36
N HIS A 243 -12.22 -3.98 -18.97
CA HIS A 243 -11.22 -4.17 -20.02
C HIS A 243 -11.42 -3.15 -21.14
N GLY A 244 -12.67 -2.89 -21.51
CA GLY A 244 -12.97 -1.97 -22.61
C GLY A 244 -12.58 -0.53 -22.32
N SER A 245 -12.52 -0.14 -21.04
CA SER A 245 -12.12 1.23 -20.71
C SER A 245 -10.63 1.46 -20.86
N VAL A 246 -9.84 0.42 -21.09
CA VAL A 246 -8.39 0.56 -20.96
C VAL A 246 -7.81 1.47 -22.06
N PRO A 247 -8.18 1.32 -23.35
CA PRO A 247 -7.52 2.17 -24.36
C PRO A 247 -7.63 3.65 -24.04
N GLN A 248 -8.83 4.15 -23.76
CA GLN A 248 -8.96 5.58 -23.45
C GLN A 248 -8.24 5.93 -22.15
N LEU A 249 -8.41 5.09 -21.12
CA LEU A 249 -7.76 5.38 -19.83
C LEU A 249 -6.25 5.46 -19.99
N PHE A 250 -5.68 4.54 -20.79
CA PHE A 250 -4.23 4.52 -20.89
C PHE A 250 -3.72 5.56 -21.87
N SER A 251 -4.61 6.11 -22.72
CA SER A 251 -4.11 6.98 -23.76
C SER A 251 -3.53 8.27 -23.20
N GLN A 252 -3.90 8.65 -21.97
CA GLN A 252 -3.32 9.85 -21.39
C GLN A 252 -2.74 9.58 -20.01
N MET A 253 -2.45 8.31 -19.71
CA MET A 253 -2.16 7.93 -18.35
C MET A 253 -0.64 7.96 -18.27
N PRO A 254 -0.02 8.84 -17.49
CA PRO A 254 1.46 8.83 -17.41
C PRO A 254 1.98 7.46 -16.98
N ILE A 255 3.08 7.05 -17.61
CA ILE A 255 3.65 5.74 -17.33
C ILE A 255 3.95 5.55 -15.84
N ARG A 256 4.41 6.60 -15.15
CA ARG A 256 4.83 6.45 -13.76
C ARG A 256 3.68 6.11 -12.85
N LYS A 257 2.44 6.16 -13.33
CA LYS A 257 1.31 5.90 -12.44
C LYS A 257 1.04 4.42 -12.28
N ILE A 258 1.61 3.60 -13.14
CA ILE A 258 1.38 2.17 -13.10
C ILE A 258 2.33 1.56 -12.06
N ARG A 259 1.77 0.75 -11.17
CA ARG A 259 2.49 0.07 -10.09
C ARG A 259 3.70 -0.66 -10.66
N SER A 260 4.89 -0.27 -10.18
CA SER A 260 6.22 -0.82 -10.49
C SER A 260 6.93 0.03 -11.54
N LEU A 261 6.22 0.96 -12.15
CA LEU A 261 6.84 1.85 -13.11
C LEU A 261 7.08 3.25 -12.56
N GLY A 262 6.95 3.45 -11.25
CA GLY A 262 7.17 4.75 -10.65
C GLY A 262 8.62 5.14 -10.41
N GLY A 263 9.55 4.24 -10.70
CA GLY A 263 10.94 4.49 -10.40
C GLY A 263 11.83 4.55 -11.63
N LYS A 264 13.01 3.93 -11.55
CA LYS A 264 13.99 4.05 -12.62
C LYS A 264 13.57 3.29 -13.88
N LEU A 265 12.92 2.13 -13.73
CA LEU A 265 12.48 1.41 -14.92
C LEU A 265 11.47 2.24 -15.71
N GLY A 266 10.51 2.85 -15.02
CA GLY A 266 9.54 3.67 -15.74
C GLY A 266 10.20 4.85 -16.42
N ALA A 267 11.15 5.49 -15.72
CA ALA A 267 11.90 6.58 -16.33
C ALA A 267 12.65 6.10 -17.57
N SER A 268 13.17 4.87 -17.54
CA SER A 268 13.92 4.46 -18.72
C SER A 268 12.99 4.06 -19.85
N VAL A 269 11.80 3.52 -19.55
CA VAL A 269 10.79 3.33 -20.60
C VAL A 269 10.54 4.65 -21.31
N ILE A 270 10.31 5.70 -20.53
CA ILE A 270 10.04 7.03 -21.09
C ILE A 270 11.22 7.51 -21.93
N GLU A 271 12.45 7.36 -21.41
CA GLU A 271 13.60 7.95 -22.10
C GLU A 271 14.02 7.15 -23.31
N ILE A 272 14.07 5.82 -23.19
CA ILE A 272 14.53 4.98 -24.29
C ILE A 272 13.50 4.97 -25.42
N LEU A 273 12.22 4.91 -25.08
CA LEU A 273 11.22 4.83 -26.13
C LEU A 273 10.76 6.20 -26.59
N GLY A 274 11.01 7.23 -25.78
CA GLY A 274 10.54 8.57 -26.10
C GLY A 274 9.03 8.70 -26.09
N ILE A 275 8.36 8.11 -25.10
CA ILE A 275 6.92 8.18 -24.98
C ILE A 275 6.60 8.72 -23.60
N GLU A 276 5.33 9.07 -23.38
CA GLU A 276 4.88 9.56 -22.08
C GLU A 276 3.77 8.74 -21.46
N TYR A 277 2.92 8.10 -22.25
CA TYR A 277 1.72 7.48 -21.74
C TYR A 277 1.75 5.98 -21.94
N MET A 278 1.03 5.28 -21.05
CA MET A 278 1.01 3.82 -21.06
C MET A 278 0.54 3.26 -22.40
N GLY A 279 -0.49 3.88 -23.00
CA GLY A 279 -1.04 3.33 -24.23
C GLY A 279 -0.04 3.32 -25.38
N GLU A 280 0.89 4.28 -25.39
CA GLU A 280 1.90 4.33 -26.44
C GLU A 280 2.73 3.06 -26.50
N LEU A 281 2.80 2.32 -25.39
CA LEU A 281 3.54 1.07 -25.41
C LEU A 281 3.00 0.07 -26.41
N THR A 282 1.73 0.18 -26.80
CA THR A 282 1.17 -0.86 -27.66
C THR A 282 1.84 -0.88 -29.01
N GLN A 283 2.57 0.19 -29.39
CA GLN A 283 3.12 0.19 -30.73
C GLN A 283 4.43 -0.58 -30.87
N PHE A 284 4.91 -1.22 -29.81
CA PHE A 284 6.17 -1.94 -29.84
C PHE A 284 5.90 -3.44 -29.79
N THR A 285 6.76 -4.23 -30.43
CA THR A 285 6.61 -5.67 -30.36
C THR A 285 7.12 -6.16 -29.02
N GLU A 286 6.65 -7.34 -28.63
CA GLU A 286 7.13 -7.92 -27.38
C GLU A 286 8.66 -8.07 -27.40
N SER A 287 9.22 -8.47 -28.55
CA SER A 287 10.67 -8.65 -28.64
C SER A 287 11.40 -7.31 -28.49
N GLN A 288 10.82 -6.22 -29.01
CA GLN A 288 11.44 -4.91 -28.82
C GLN A 288 11.48 -4.55 -27.33
N LEU A 289 10.35 -4.74 -26.64
CA LEU A 289 10.33 -4.38 -25.23
C LEU A 289 11.26 -5.27 -24.43
N GLN A 290 11.35 -6.55 -24.80
CA GLN A 290 12.25 -7.45 -24.08
C GLN A 290 13.69 -7.05 -24.33
N SER A 291 13.99 -6.56 -25.53
CA SER A 291 15.36 -6.13 -25.84
CA SER A 291 15.35 -6.13 -25.83
C SER A 291 15.75 -4.93 -25.00
N HIS A 292 14.83 -3.99 -24.79
CA HIS A 292 15.16 -2.80 -24.01
C HIS A 292 15.19 -3.06 -22.51
N PHE A 293 14.24 -3.84 -21.99
CA PHE A 293 14.02 -3.88 -20.54
C PHE A 293 14.17 -5.27 -19.94
N GLY A 294 14.62 -6.26 -20.71
CA GLY A 294 14.74 -7.61 -20.23
C GLY A 294 13.52 -8.46 -20.58
N GLU A 295 13.72 -9.77 -20.54
CA GLU A 295 12.70 -10.73 -20.96
C GLU A 295 11.44 -10.61 -20.10
N LYS A 296 11.63 -10.60 -18.78
CA LYS A 296 10.52 -10.47 -17.84
C LYS A 296 9.83 -9.13 -17.99
N ASN A 297 10.61 -8.04 -17.85
CA ASN A 297 9.97 -6.73 -17.93
C ASN A 297 9.30 -6.53 -19.28
N GLY A 298 9.97 -6.89 -20.36
CA GLY A 298 9.39 -6.71 -21.68
C GLY A 298 8.08 -7.45 -21.88
N SER A 299 8.04 -8.73 -21.48
CA SER A 299 6.78 -9.45 -21.57
C SER A 299 5.71 -8.78 -20.72
N TRP A 300 6.08 -8.34 -19.52
CA TRP A 300 5.10 -7.74 -18.63
C TRP A 300 4.55 -6.46 -19.23
N LEU A 301 5.42 -5.61 -19.78
CA LEU A 301 4.97 -4.35 -20.37
C LEU A 301 4.10 -4.60 -21.59
N TYR A 302 4.49 -5.57 -22.44
CA TYR A 302 3.69 -5.87 -23.62
C TYR A 302 2.26 -6.22 -23.24
N ALA A 303 2.09 -7.10 -22.26
CA ALA A 303 0.75 -7.49 -21.81
C ALA A 303 0.05 -6.36 -21.04
N MET A 304 0.81 -5.57 -20.27
CA MET A 304 0.17 -4.64 -19.31
C MET A 304 -0.42 -3.47 -20.04
N CYS A 305 0.28 -2.99 -21.08
CA CYS A 305 -0.23 -1.82 -21.80
C CYS A 305 -1.51 -2.11 -22.59
N ARG A 306 -1.88 -3.39 -22.71
CA ARG A 306 -3.15 -3.81 -23.24
C ARG A 306 -4.16 -4.12 -22.14
N GLY A 307 -3.80 -3.85 -20.88
CA GLY A 307 -4.66 -4.12 -19.76
C GLY A 307 -4.59 -5.54 -19.22
N ILE A 308 -3.54 -6.29 -19.56
CA ILE A 308 -3.44 -7.71 -19.23
C ILE A 308 -2.28 -7.91 -18.26
N GLU A 309 -2.57 -8.56 -17.14
CA GLU A 309 -1.58 -8.83 -16.09
C GLU A 309 -1.96 -10.12 -15.41
N HIS A 310 -0.97 -10.91 -15.01
CA HIS A 310 -1.31 -12.22 -14.47
C HIS A 310 -0.86 -12.44 -13.05
N ASP A 311 -0.26 -11.42 -12.41
CA ASP A 311 0.27 -11.53 -11.06
C ASP A 311 -0.86 -11.95 -10.13
N PRO A 312 -0.73 -13.05 -9.40
CA PRO A 312 -1.86 -13.55 -8.62
C PRO A 312 -1.99 -12.80 -7.31
N VAL A 313 -3.23 -12.70 -6.83
CA VAL A 313 -3.51 -12.30 -5.46
C VAL A 313 -2.95 -13.40 -4.57
N LYS A 314 -1.83 -13.16 -3.93
CA LYS A 314 -1.24 -14.21 -3.10
C LYS A 314 -2.03 -14.34 -1.80
N PRO A 315 -2.34 -15.54 -1.37
CA PRO A 315 -3.05 -15.70 -0.10
C PRO A 315 -2.12 -15.47 1.08
N ARG A 316 -2.04 -14.23 1.56
CA ARG A 316 -1.09 -13.88 2.61
C ARG A 316 -1.65 -12.70 3.37
N GLN A 317 -2.10 -12.95 4.60
CA GLN A 317 -2.73 -11.92 5.42
C GLN A 317 -1.80 -11.33 6.45
N LEU A 318 -0.65 -11.98 6.71
CA LEU A 318 0.32 -11.51 7.66
C LEU A 318 1.62 -11.12 6.98
N PRO A 319 2.28 -10.08 7.49
CA PRO A 319 3.63 -9.75 7.02
C PRO A 319 4.55 -10.97 7.13
N LYS A 320 5.51 -11.06 6.19
CA LYS A 320 6.52 -12.10 6.07
C LYS A 320 7.75 -11.86 6.95
N THR A 321 8.02 -10.62 7.28
CA THR A 321 9.15 -10.26 8.11
C THR A 321 8.61 -9.27 9.13
N ILE A 322 9.29 -9.18 10.27
CA ILE A 322 8.90 -8.26 11.33
C ILE A 322 10.13 -7.46 11.70
N GLY A 323 10.09 -6.15 11.52
CA GLY A 323 11.28 -5.34 11.65
C GLY A 323 11.02 -4.06 12.42
N CYS A 324 12.13 -3.48 12.89
CA CYS A 324 12.20 -2.30 13.74
C CYS A 324 13.32 -1.42 13.21
N SER A 325 13.04 -0.16 12.91
CA SER A 325 14.11 0.65 12.35
C SER A 325 14.02 2.07 12.89
N LYS A 326 15.18 2.73 12.95
CA LYS A 326 15.22 4.14 13.34
C LYS A 326 16.38 4.84 12.65
N ASN A 327 16.09 6.04 12.16
CA ASN A 327 17.07 6.91 11.54
C ASN A 327 17.67 7.84 12.60
N PHE A 328 18.90 8.27 12.34
CA PHE A 328 19.62 9.15 13.26
C PHE A 328 20.27 10.24 12.42
N PRO A 329 19.49 11.22 12.00
CA PRO A 329 19.98 12.18 11.00
C PRO A 329 20.83 13.27 11.63
N GLY A 330 21.63 13.90 10.76
CA GLY A 330 22.35 15.10 11.13
C GLY A 330 23.31 14.88 12.27
N LYS A 331 23.33 15.84 13.19
CA LYS A 331 24.18 15.76 14.37
C LYS A 331 23.80 14.61 15.29
N THR A 332 22.65 13.96 15.10
CA THR A 332 22.24 12.89 15.99
C THR A 332 22.82 11.54 15.60
N ALA A 333 23.60 11.47 14.52
CA ALA A 333 24.19 10.20 14.09
C ALA A 333 25.00 9.60 15.23
N LEU A 334 24.93 8.27 15.37
CA LEU A 334 25.56 7.62 16.52
C LEU A 334 27.07 7.51 16.33
N ALA A 335 27.82 8.02 17.29
CA ALA A 335 29.25 8.19 17.15
C ALA A 335 30.07 7.48 18.23
N THR A 336 29.43 6.78 19.17
CA THR A 336 30.16 6.02 20.18
C THR A 336 29.64 4.60 20.24
N ARG A 337 30.50 3.72 20.75
CA ARG A 337 30.11 2.32 20.96
C ARG A 337 28.87 2.21 21.84
N GLU A 338 28.88 2.89 22.98
CA GLU A 338 27.76 2.85 23.91
C GLU A 338 26.45 3.23 23.24
N GLN A 339 26.48 4.28 22.42
CA GLN A 339 25.28 4.75 21.74
C GLN A 339 24.71 3.66 20.83
N VAL A 340 25.57 3.11 19.97
CA VAL A 340 25.14 2.06 19.05
C VAL A 340 24.53 0.90 19.82
N GLN A 341 25.19 0.49 20.91
CA GLN A 341 24.68 -0.65 21.67
C GLN A 341 23.35 -0.34 22.32
N TRP A 342 23.20 0.88 22.86
CA TRP A 342 21.98 1.21 23.55
C TRP A 342 20.80 1.25 22.59
N TRP A 343 20.98 1.84 21.41
CA TRP A 343 19.88 1.88 20.44
C TRP A 343 19.58 0.50 19.87
N LEU A 344 20.61 -0.32 19.66
CA LEU A 344 20.32 -1.70 19.27
C LEU A 344 19.48 -2.38 20.34
N LEU A 345 19.77 -2.12 21.61
CA LEU A 345 18.93 -2.68 22.67
C LEU A 345 17.50 -2.15 22.58
N GLN A 346 17.32 -0.86 22.31
CA GLN A 346 15.96 -0.30 22.25
C GLN A 346 15.17 -0.95 21.13
N LEU A 347 15.77 -1.01 19.94
CA LEU A 347 15.14 -1.66 18.79
C LEU A 347 14.83 -3.11 19.08
N ALA A 348 15.78 -3.83 19.68
CA ALA A 348 15.60 -5.24 19.97
C ALA A 348 14.51 -5.46 21.01
N GLN A 349 14.35 -4.54 21.96
CA GLN A 349 13.26 -4.69 22.91
C GLN A 349 11.90 -4.53 22.23
N GLU A 350 11.76 -3.55 21.35
CA GLU A 350 10.47 -3.45 20.65
C GLU A 350 10.26 -4.68 19.77
N LEU A 351 11.34 -5.18 19.18
CA LEU A 351 11.23 -6.36 18.31
C LEU A 351 10.82 -7.58 19.10
N GLU A 352 11.44 -7.80 20.26
CA GLU A 352 11.03 -8.91 21.11
C GLU A 352 9.55 -8.84 21.43
N GLU A 353 9.06 -7.64 21.77
CA GLU A 353 7.66 -7.50 22.11
C GLU A 353 6.77 -7.89 20.92
N ARG A 354 7.08 -7.37 19.73
CA ARG A 354 6.25 -7.72 18.57
C ARG A 354 6.38 -9.19 18.18
N LEU A 355 7.58 -9.77 18.33
CA LEU A 355 7.74 -11.17 17.99
C LEU A 355 6.98 -12.08 18.95
N THR A 356 7.04 -11.79 20.25
CA THR A 356 6.30 -12.59 21.22
C THR A 356 4.81 -12.53 20.93
N LYS A 357 4.28 -11.31 20.68
CA LYS A 357 2.89 -11.18 20.27
C LYS A 357 2.60 -12.04 19.04
N ASP A 358 3.46 -11.95 18.04
CA ASP A 358 3.26 -12.71 16.81
C ASP A 358 3.29 -14.20 17.03
N ARG A 359 4.18 -14.69 17.90
CA ARG A 359 4.24 -16.12 18.14
C ARG A 359 2.98 -16.62 18.83
N ASN A 360 2.46 -15.85 19.81
CA ASN A 360 1.19 -16.25 20.44
C ASN A 360 0.01 -16.18 19.49
N ASP A 361 -0.06 -15.14 18.65
CA ASP A 361 -1.22 -14.89 17.81
C ASP A 361 -1.26 -15.82 16.62
N ASN A 362 -0.10 -16.11 16.02
CA ASN A 362 -0.04 -16.58 14.65
C ASN A 362 0.67 -17.91 14.54
N ASP A 363 1.14 -18.46 15.66
CA ASP A 363 1.71 -19.81 15.69
C ASP A 363 2.89 -19.94 14.77
N ARG A 364 3.87 -19.04 14.92
CA ARG A 364 5.10 -19.12 14.13
C ARG A 364 6.24 -18.49 14.93
N VAL A 365 7.46 -18.84 14.54
CA VAL A 365 8.69 -18.35 15.17
C VAL A 365 9.67 -17.96 14.08
N ALA A 366 10.31 -16.80 14.24
CA ALA A 366 11.35 -16.40 13.31
C ALA A 366 12.67 -17.09 13.65
N THR A 367 13.52 -17.27 12.63
CA THR A 367 14.75 -18.04 12.75
C THR A 367 16.00 -17.31 12.29
N GLN A 368 15.85 -16.18 11.62
CA GLN A 368 16.99 -15.38 11.19
C GLN A 368 16.77 -13.94 11.60
N LEU A 369 17.86 -13.27 11.97
CA LEU A 369 17.84 -11.86 12.32
C LEU A 369 18.72 -11.15 11.32
N VAL A 370 18.15 -10.16 10.64
CA VAL A 370 18.88 -9.36 9.68
C VAL A 370 19.14 -8.00 10.32
N VAL A 371 20.40 -7.55 10.27
CA VAL A 371 20.82 -6.29 10.84
C VAL A 371 21.29 -5.42 9.70
N SER A 372 20.70 -4.24 9.57
CA SER A 372 21.02 -3.34 8.46
C SER A 372 21.42 -1.99 9.05
N ILE A 373 22.49 -1.39 8.54
CA ILE A 373 22.89 -0.05 8.95
C ILE A 373 23.11 0.85 7.75
N ARG A 374 23.02 2.17 8.01
CA ARG A 374 23.49 3.21 7.11
C ARG A 374 24.59 4.00 7.80
N VAL A 375 25.63 4.34 7.05
CA VAL A 375 26.76 5.09 7.61
C VAL A 375 26.69 6.51 7.09
N GLN A 376 27.26 7.44 7.85
CA GLN A 376 27.17 8.85 7.48
C GLN A 376 27.88 9.11 6.16
N GLY A 377 27.18 9.79 5.26
CA GLY A 377 27.67 10.11 3.95
C GLY A 377 27.19 9.16 2.87
N ASP A 378 26.83 7.94 3.24
CA ASP A 378 26.31 6.98 2.28
C ASP A 378 24.93 7.43 1.83
N LYS A 379 24.81 7.74 0.54
CA LYS A 379 23.52 8.17 0.01
C LYS A 379 22.52 7.02 -0.01
N ARG A 380 23.00 5.79 -0.09
CA ARG A 380 22.13 4.63 -0.13
C ARG A 380 21.37 4.49 1.19
N LEU A 381 20.15 3.91 1.11
CA LEU A 381 19.34 3.77 2.30
C LEU A 381 19.83 2.67 3.23
N SER A 382 20.50 1.64 2.71
CA SER A 382 21.21 0.69 3.55
C SER A 382 22.66 0.64 3.09
N SER A 383 23.58 0.86 4.02
CA SER A 383 25.00 0.72 3.73
C SER A 383 25.47 -0.71 3.87
N LEU A 384 24.86 -1.47 4.77
CA LEU A 384 25.37 -2.81 5.09
C LEU A 384 24.26 -3.67 5.65
N ARG A 385 24.28 -4.95 5.32
CA ARG A 385 23.29 -5.89 5.84
C ARG A 385 23.94 -7.23 6.14
N ARG A 386 23.79 -7.70 7.39
CA ARG A 386 24.37 -8.96 7.83
C ARG A 386 23.35 -9.74 8.63
N CYS A 387 23.47 -11.07 8.64
CA CYS A 387 22.48 -11.90 9.29
C CYS A 387 23.10 -12.74 10.39
N CYS A 388 22.27 -13.16 11.33
CA CYS A 388 22.70 -14.17 12.28
C CYS A 388 21.49 -15.00 12.68
N ALA A 389 21.76 -16.06 13.44
CA ALA A 389 20.69 -16.93 13.88
C ALA A 389 19.87 -16.24 14.96
N LEU A 390 18.55 -16.30 14.79
CA LEU A 390 17.61 -15.87 15.83
C LEU A 390 17.11 -17.14 16.52
N THR A 391 17.67 -17.44 17.68
CA THR A 391 17.34 -18.68 18.37
C THR A 391 16.47 -18.51 19.60
N ARG A 392 16.50 -17.34 20.24
CA ARG A 392 15.65 -17.05 21.39
C ARG A 392 15.11 -15.64 21.28
N TYR A 393 13.84 -15.46 21.63
CA TYR A 393 13.21 -14.15 21.66
C TYR A 393 13.63 -13.45 22.94
N ASP A 394 14.84 -12.88 22.90
CA ASP A 394 15.40 -12.19 24.04
C ASP A 394 16.15 -10.95 23.56
N ALA A 395 15.74 -9.78 24.05
CA ALA A 395 16.25 -8.53 23.46
C ALA A 395 17.75 -8.37 23.68
N HIS A 396 18.25 -8.72 24.87
CA HIS A 396 19.67 -8.53 25.15
C HIS A 396 20.52 -9.41 24.25
N LYS A 397 20.11 -10.65 24.04
CA LYS A 397 20.84 -11.53 23.13
C LYS A 397 20.76 -11.02 21.70
N MET A 398 19.59 -10.55 21.28
CA MET A 398 19.42 -10.15 19.90
C MET A 398 20.26 -8.91 19.60
N SER A 399 20.32 -7.98 20.56
CA SER A 399 21.12 -6.77 20.39
C SER A 399 22.61 -7.08 20.47
N HIS A 400 23.00 -8.00 21.36
CA HIS A 400 24.40 -8.40 21.41
C HIS A 400 24.84 -9.05 20.12
N ASP A 401 24.00 -9.92 19.55
CA ASP A 401 24.31 -10.57 18.28
C ASP A 401 24.36 -9.57 17.13
N ALA A 402 23.42 -8.63 17.09
CA ALA A 402 23.45 -7.61 16.05
C ALA A 402 24.74 -6.81 16.13
N PHE A 403 25.13 -6.43 17.35
CA PHE A 403 26.39 -5.73 17.51
C PHE A 403 27.54 -6.58 17.02
N THR A 404 27.54 -7.86 17.37
CA THR A 404 28.62 -8.73 16.92
C THR A 404 28.72 -8.74 15.39
N VAL A 405 27.58 -8.87 14.70
CA VAL A 405 27.69 -8.99 13.25
C VAL A 405 28.04 -7.66 12.60
N ILE A 406 27.84 -6.53 13.28
CA ILE A 406 28.21 -5.24 12.66
C ILE A 406 29.48 -4.59 13.21
N LYS A 407 30.07 -5.12 14.30
CA LYS A 407 31.08 -4.35 15.03
C LYS A 407 32.35 -4.11 14.23
N ASN A 408 32.74 -5.03 13.36
CA ASN A 408 33.94 -4.77 12.58
C ASN A 408 33.73 -3.70 11.53
N CYS A 409 32.53 -3.12 11.41
CA CYS A 409 32.35 -1.93 10.59
C CYS A 409 32.94 -0.69 11.23
N ASN A 410 33.22 -0.72 12.53
CA ASN A 410 33.79 0.44 13.20
C ASN A 410 35.21 0.69 12.69
N THR A 411 35.44 1.88 12.15
CA THR A 411 36.76 2.29 11.68
C THR A 411 37.64 2.79 12.81
N SER A 412 37.06 3.40 13.84
CA SER A 412 37.83 4.03 14.91
C SER A 412 38.86 3.08 15.51
N GLY A 413 40.08 3.60 15.69
CA GLY A 413 41.08 2.87 16.44
C GLY A 413 40.81 2.86 17.93
N ILE A 414 40.10 3.87 18.43
CA ILE A 414 39.69 3.88 19.82
C ILE A 414 38.58 2.87 20.02
N GLN A 415 38.69 2.08 21.10
CA GLN A 415 37.73 1.03 21.36
C GLN A 415 36.35 1.60 21.69
N THR A 416 36.31 2.80 22.27
CA THR A 416 35.07 3.40 22.77
C THR A 416 34.32 4.23 21.73
N GLU A 417 34.96 4.60 20.63
CA GLU A 417 34.33 5.46 19.65
C GLU A 417 33.81 4.65 18.46
N TRP A 418 32.91 5.27 17.69
CA TRP A 418 32.34 4.65 16.50
C TRP A 418 32.40 5.60 15.30
N SER A 419 33.23 5.25 14.33
CA SER A 419 33.34 5.99 13.09
C SER A 419 33.31 5.02 11.92
N PRO A 420 32.72 5.40 10.78
CA PRO A 420 31.95 6.63 10.60
C PRO A 420 30.62 6.50 11.33
N PRO A 421 30.04 7.60 11.78
CA PRO A 421 28.82 7.48 12.60
C PRO A 421 27.64 6.95 11.81
N LEU A 422 26.72 6.33 12.56
CA LEU A 422 25.63 5.56 11.97
C LEU A 422 24.41 6.47 11.87
N THR A 423 23.79 6.51 10.71
CA THR A 423 22.58 7.30 10.50
C THR A 423 21.32 6.44 10.37
N MET A 424 21.43 5.14 10.59
CA MET A 424 20.30 4.22 10.55
C MET A 424 20.65 2.88 11.16
N LEU A 425 19.72 2.37 11.98
CA LEU A 425 19.79 1.02 12.55
C LEU A 425 18.49 0.30 12.22
N PHE A 426 18.59 -0.97 11.86
CA PHE A 426 17.43 -1.72 11.37
C PHE A 426 17.58 -3.16 11.82
N LEU A 427 16.61 -3.69 12.56
CA LEU A 427 16.60 -5.10 12.94
C LEU A 427 15.40 -5.74 12.31
N CYS A 428 15.60 -6.88 11.65
CA CYS A 428 14.46 -7.51 11.02
C CYS A 428 14.52 -9.00 11.30
N ALA A 429 13.42 -9.55 11.82
CA ALA A 429 13.27 -10.98 12.04
C ALA A 429 12.58 -11.60 10.82
N THR A 430 13.19 -12.66 10.29
CA THR A 430 12.78 -13.26 9.01
C THR A 430 12.81 -14.79 9.12
N LYS A 431 12.47 -15.44 8.00
CA LYS A 431 12.48 -16.91 7.88
C LYS A 431 11.63 -17.56 8.97
N PHE A 432 10.33 -17.28 8.93
CA PHE A 432 9.44 -17.86 9.93
C PHE A 432 9.19 -19.34 9.67
N SER A 433 9.13 -20.12 10.76
CA SER A 433 8.73 -21.52 10.77
C SER A 433 7.48 -21.66 11.63
N ALA A 434 6.61 -22.60 11.26
CA ALA A 434 5.41 -22.83 12.04
C ALA A 434 5.77 -23.32 13.45
N SER A 435 4.92 -22.98 14.42
CA SER A 435 5.07 -23.48 15.79
C SER A 435 3.71 -23.58 16.47
C1 GOL D . -3.53 4.95 -27.30
O1 GOL D . -2.21 5.05 -26.88
C2 GOL D . -4.25 3.83 -26.43
O2 GOL D . -4.04 4.00 -25.08
C3 GOL D . -3.74 2.41 -26.93
O3 GOL D . -4.75 1.46 -26.52
C1 GOL E . -7.63 -2.20 18.11
O1 GOL E . -7.41 -2.15 16.74
C2 GOL E . -8.38 -3.51 18.43
O2 GOL E . -7.52 -4.58 18.53
C3 GOL E . -9.10 -3.24 19.76
O3 GOL E . -10.02 -4.29 19.92
C1 GOL F . -10.15 12.37 25.89
O1 GOL F . -8.89 11.77 25.75
C2 GOL F . -10.39 13.28 24.64
O2 GOL F . -9.60 12.91 23.53
C3 GOL F . -11.93 13.20 24.37
O3 GOL F . -12.18 13.68 23.05
N1 CTP G . 3.47 5.00 4.24
C2 CTP G . 4.77 5.29 4.64
N3 CTP G . 5.57 6.05 3.87
C4 CTP G . 5.12 6.55 2.71
C5 CTP G . 3.80 6.26 2.29
C6 CTP G . 3.00 5.50 3.06
O2 CTP G . 5.18 4.84 5.70
N4 CTP G . 5.92 7.30 1.98
C1' CTP G . 2.65 4.14 5.12
C2' CTP G . 2.10 4.95 6.29
O2' CTP G . 1.99 4.09 7.42
C3' CTP G . 0.71 5.33 5.82
C4' CTP G . 0.30 4.04 5.12
O4' CTP G . 1.51 3.62 4.45
O3' CTP G . -0.14 5.60 6.92
C5' CTP G . -0.78 4.31 4.11
O5' CTP G . -0.20 5.09 3.11
PA CTP G . -1.15 5.89 2.05
O1A CTP G . -2.30 5.03 1.65
O2A CTP G . -0.31 6.24 0.88
O3A CTP G . -1.70 7.21 2.72
PB CTP G . -3.11 7.49 3.37
O1B CTP G . -3.87 6.23 3.69
O2B CTP G . -2.88 8.28 4.63
O3B CTP G . -3.92 8.44 2.40
PG CTP G . -4.92 7.99 1.19
O1G CTP G . -4.92 6.51 1.05
O2G CTP G . -4.45 8.64 -0.06
O3G CTP G . -6.30 8.47 1.49
CA CA H . -4.49 4.61 2.28
K K I . -2.17 2.67 0.90
#